data_1OG1
#
_entry.id   1OG1
#
_cell.length_a   81.419
_cell.length_b   81.419
_cell.length_c   77.265
_cell.angle_alpha   90.00
_cell.angle_beta   90.00
_cell.angle_gamma   120.00
#
_symmetry.space_group_name_H-M   'P 31 2 1'
#
loop_
_entity.id
_entity.type
_entity.pdbx_description
1 polymer 'T-CELL ECTO-ADP-RIBOSYLTRANSFERASE 2'
2 non-polymer 'BETA-METHYLENE-THIAZOLE-4-CARBOXYAMIDE-ADENINE DINUCLEOTIDE'
3 water water
#
_entity_poly.entity_id   1
_entity_poly.type   'polypeptide(L)'
_entity_poly.pdbx_seq_one_letter_code
;LTGPLMLDTAPNAFDDQYEGCVNKMEEKAPLLLQEDFNMNAKLKVAWEEAKKRWNNIKPSRSYPKGFNDFHGTALVAYTG
SIAVDFNRAVREFKENPGQFHYKAFHYYLTRALQLLSNGDCHSVYRGTKTRFHYTGAGSVRFGQFTSSSLSKKVAQSQEF
FSDHGTLFIIKTCLGVYIKEFSFRPDQEEVLIPGYEVYQKVRTQGYNEIFLDSPKRKKSNYNCLYS
;
_entity_poly.pdbx_strand_id   A
#
loop_
_chem_comp.id
_chem_comp.type
_chem_comp.name
_chem_comp.formula
TAD non-polymer 'BETA-METHYLENE-THIAZOLE-4-CARBOXYAMIDE-ADENINE DINUCLEOTIDE' 'C20 H27 N7 O13 P2 S'
#
# COMPACT_ATOMS: atom_id res chain seq x y z
N PRO A 4 10.07 -19.42 1.49
CA PRO A 4 8.83 -18.77 1.99
C PRO A 4 9.17 -17.42 2.62
N LEU A 5 8.16 -16.58 2.75
CA LEU A 5 8.34 -15.25 3.35
C LEU A 5 7.55 -15.31 4.67
N MET A 6 7.97 -14.53 5.65
CA MET A 6 7.35 -14.58 6.97
C MET A 6 6.20 -13.58 7.05
N LEU A 7 5.14 -13.98 7.74
CA LEU A 7 3.98 -13.12 7.93
C LEU A 7 4.00 -12.80 9.45
N ASP A 8 4.16 -11.53 9.81
CA ASP A 8 4.23 -11.18 11.23
C ASP A 8 3.72 -9.76 11.42
N THR A 9 4.19 -9.03 12.43
CA THR A 9 3.70 -7.66 12.65
C THR A 9 4.48 -6.61 11.87
N ALA A 10 5.40 -7.04 11.01
CA ALA A 10 6.20 -6.12 10.19
C ALA A 10 6.89 -5.10 11.09
N PRO A 11 7.64 -5.59 12.07
CA PRO A 11 8.35 -4.70 12.98
C PRO A 11 9.37 -3.79 12.32
N ASN A 12 9.90 -4.15 11.16
CA ASN A 12 10.91 -3.30 10.56
C ASN A 12 10.43 -2.43 9.37
N ALA A 13 9.14 -2.51 9.07
CA ALA A 13 8.57 -1.73 7.97
C ALA A 13 8.40 -0.25 8.28
N PHE A 14 8.59 0.58 7.26
CA PHE A 14 8.34 2.00 7.44
C PHE A 14 6.81 2.08 7.36
N ASP A 15 6.16 2.34 8.49
CA ASP A 15 4.70 2.33 8.58
C ASP A 15 4.08 3.67 8.97
N ASP A 16 4.81 4.76 8.73
CA ASP A 16 4.35 6.11 9.10
C ASP A 16 2.88 6.37 8.69
N GLN A 17 2.09 6.80 9.68
CA GLN A 17 0.70 7.16 9.49
C GLN A 17 0.52 8.66 9.50
N TYR A 18 1.59 9.41 9.78
CA TYR A 18 1.55 10.88 9.79
C TYR A 18 0.47 11.49 10.72
N GLU A 19 0.39 11.00 11.94
CA GLU A 19 -0.58 11.51 12.89
C GLU A 19 -0.03 12.80 13.47
N GLY A 20 -0.72 13.91 13.23
CA GLY A 20 -0.28 15.20 13.72
C GLY A 20 0.66 15.98 12.83
N CYS A 21 1.05 15.47 11.67
CA CYS A 21 1.95 16.27 10.85
C CYS A 21 1.53 16.39 9.40
N VAL A 22 0.24 16.20 9.14
CA VAL A 22 -0.23 16.34 7.79
C VAL A 22 0.02 17.75 7.23
N ASN A 23 -0.23 18.82 8.02
CA ASN A 23 -0.01 20.15 7.47
C ASN A 23 1.45 20.39 7.18
N LYS A 24 2.29 19.91 8.08
CA LYS A 24 3.71 20.08 7.89
C LYS A 24 4.20 19.27 6.67
N MET A 25 3.66 18.06 6.48
CA MET A 25 4.10 17.23 5.38
C MET A 25 3.65 17.80 4.04
N GLU A 26 2.40 18.27 3.97
CA GLU A 26 1.92 18.85 2.73
C GLU A 26 2.80 20.04 2.31
N GLU A 27 3.45 20.70 3.26
CA GLU A 27 4.33 21.81 2.93
C GLU A 27 5.73 21.36 2.54
N LYS A 28 6.16 20.28 3.16
CA LYS A 28 7.52 19.81 2.96
C LYS A 28 7.71 18.68 1.95
N ALA A 29 6.67 17.89 1.71
CA ALA A 29 6.79 16.77 0.77
C ALA A 29 7.16 17.16 -0.67
N PRO A 30 6.72 18.35 -1.18
CA PRO A 30 7.12 18.68 -2.56
C PRO A 30 8.64 18.74 -2.71
N LEU A 31 9.30 19.29 -1.70
CA LEU A 31 10.76 19.39 -1.67
C LEU A 31 11.31 17.97 -1.52
N LEU A 32 10.70 17.20 -0.59
CA LEU A 32 11.14 15.82 -0.37
C LEU A 32 11.06 15.02 -1.65
N LEU A 33 10.00 15.27 -2.44
CA LEU A 33 9.82 14.55 -3.68
C LEU A 33 10.96 14.79 -4.66
N GLN A 34 11.42 16.05 -4.74
CA GLN A 34 12.52 16.36 -5.64
C GLN A 34 13.76 15.56 -5.21
N GLU A 35 13.96 15.46 -3.90
CA GLU A 35 15.06 14.68 -3.31
C GLU A 35 14.94 13.19 -3.66
N ASP A 36 13.76 12.62 -3.42
CA ASP A 36 13.52 11.23 -3.81
C ASP A 36 13.92 11.04 -5.31
N PHE A 37 13.41 11.91 -6.19
CA PHE A 37 13.68 11.77 -7.62
C PHE A 37 15.18 11.85 -7.95
N ASN A 38 15.84 12.83 -7.34
CA ASN A 38 17.26 13.01 -7.59
C ASN A 38 18.06 11.74 -7.32
N MET A 39 17.55 10.88 -6.44
CA MET A 39 18.25 9.66 -6.13
C MET A 39 17.47 8.40 -6.48
N ASN A 40 16.44 8.55 -7.29
CA ASN A 40 15.64 7.39 -7.64
C ASN A 40 15.09 7.61 -9.03
N ALA A 41 15.91 7.30 -10.05
CA ALA A 41 15.51 7.48 -11.44
C ALA A 41 14.27 6.69 -11.83
N LYS A 42 14.15 5.46 -11.34
CA LYS A 42 12.99 4.68 -11.65
C LYS A 42 11.73 5.37 -11.11
N LEU A 43 11.78 5.90 -9.90
CA LEU A 43 10.56 6.55 -9.34
C LEU A 43 10.21 7.79 -10.19
N LYS A 44 11.22 8.59 -10.49
CA LYS A 44 10.98 9.79 -11.28
C LYS A 44 10.27 9.47 -12.61
N VAL A 45 10.72 8.44 -13.30
CA VAL A 45 10.10 8.04 -14.56
C VAL A 45 8.67 7.56 -14.32
N ALA A 46 8.48 6.73 -13.33
CA ALA A 46 7.15 6.23 -13.06
C ALA A 46 6.21 7.43 -12.71
N TRP A 47 6.72 8.38 -11.96
CA TRP A 47 5.92 9.54 -11.54
C TRP A 47 5.53 10.42 -12.74
N GLU A 48 6.49 10.71 -13.63
CA GLU A 48 6.20 11.52 -14.81
C GLU A 48 5.15 10.86 -15.68
N GLU A 49 5.29 9.55 -15.86
CA GLU A 49 4.29 8.87 -16.64
C GLU A 49 2.94 8.86 -15.91
N ALA A 50 2.96 8.67 -14.59
CA ALA A 50 1.70 8.64 -13.85
C ALA A 50 1.00 10.01 -13.84
N LYS A 51 1.78 11.07 -13.84
CA LYS A 51 1.22 12.43 -13.84
C LYS A 51 0.39 12.66 -15.13
N LYS A 52 0.87 12.13 -16.26
CA LYS A 52 0.12 12.31 -17.50
C LYS A 52 -1.21 11.58 -17.44
N ARG A 53 -1.19 10.36 -16.92
CA ARG A 53 -2.41 9.59 -16.82
C ARG A 53 -3.37 10.23 -15.82
N TRP A 54 -2.83 10.74 -14.72
CA TRP A 54 -3.64 11.40 -13.69
C TRP A 54 -4.35 12.60 -14.33
N ASN A 55 -3.62 13.36 -15.15
CA ASN A 55 -4.20 14.52 -15.83
C ASN A 55 -5.46 14.13 -16.60
N ASN A 56 -5.45 12.94 -17.17
CA ASN A 56 -6.56 12.41 -17.95
C ASN A 56 -7.71 11.89 -17.11
N ILE A 57 -7.38 11.31 -15.96
CA ILE A 57 -8.35 10.74 -15.02
C ILE A 57 -9.10 11.79 -14.21
N LYS A 58 -8.36 12.76 -13.72
CA LYS A 58 -8.86 13.83 -12.86
C LYS A 58 -10.22 14.52 -13.19
N PRO A 59 -10.44 14.88 -14.46
CA PRO A 59 -11.71 15.54 -14.83
C PRO A 59 -12.99 14.68 -14.69
N SER A 60 -12.85 13.37 -14.78
CA SER A 60 -14.01 12.50 -14.73
C SER A 60 -14.77 12.51 -13.40
N ARG A 61 -14.16 12.94 -12.31
CA ARG A 61 -14.86 12.94 -11.04
C ARG A 61 -14.27 13.90 -10.03
N SER A 62 -14.96 14.02 -8.91
CA SER A 62 -14.53 14.88 -7.83
C SER A 62 -13.83 13.96 -6.81
N TYR A 63 -12.91 14.53 -6.03
CA TYR A 63 -12.16 13.75 -5.03
C TYR A 63 -12.36 14.38 -3.67
N PRO A 64 -12.10 13.63 -2.60
CA PRO A 64 -12.27 14.16 -1.24
C PRO A 64 -11.57 15.49 -1.06
N LYS A 65 -12.12 16.34 -0.21
CA LYS A 65 -11.50 17.63 0.04
C LYS A 65 -10.04 17.48 0.50
N GLY A 66 -9.13 18.23 -0.09
CA GLY A 66 -7.73 18.11 0.29
C GLY A 66 -6.99 17.11 -0.61
N PHE A 67 -7.71 16.29 -1.35
CA PHE A 67 -7.03 15.35 -2.25
C PHE A 67 -6.45 16.18 -3.40
N ASN A 68 -5.12 16.23 -3.53
CA ASN A 68 -4.50 17.05 -4.55
C ASN A 68 -3.78 16.24 -5.63
N ASP A 69 -3.08 16.90 -6.54
CA ASP A 69 -2.43 16.18 -7.63
C ASP A 69 -1.35 15.21 -7.16
N PHE A 70 -0.67 15.50 -6.05
CA PHE A 70 0.36 14.60 -5.52
C PHE A 70 -0.32 13.30 -5.09
N HIS A 71 -1.42 13.39 -4.35
CA HIS A 71 -2.15 12.18 -3.92
C HIS A 71 -2.58 11.38 -5.12
N GLY A 72 -3.19 12.05 -6.11
CA GLY A 72 -3.65 11.33 -7.28
C GLY A 72 -2.53 10.69 -8.08
N THR A 73 -1.47 11.44 -8.33
CA THR A 73 -0.35 10.90 -9.09
C THR A 73 0.37 9.77 -8.32
N ALA A 74 0.43 9.85 -6.99
CA ALA A 74 1.10 8.77 -6.22
C ALA A 74 0.30 7.49 -6.36
N LEU A 75 -1.01 7.57 -6.24
CA LEU A 75 -1.84 6.40 -6.35
C LEU A 75 -1.79 5.82 -7.77
N VAL A 76 -1.85 6.67 -8.78
CA VAL A 76 -1.79 6.14 -10.14
C VAL A 76 -0.45 5.46 -10.32
N ALA A 77 0.63 6.09 -9.89
CA ALA A 77 1.95 5.52 -10.08
C ALA A 77 2.08 4.15 -9.38
N TYR A 78 1.49 4.04 -8.20
CA TYR A 78 1.59 2.82 -7.42
C TYR A 78 0.98 1.62 -8.17
N THR A 79 -0.15 1.84 -8.86
CA THR A 79 -0.79 0.75 -9.59
C THR A 79 0.03 0.42 -10.81
N GLY A 80 1.04 1.26 -11.05
CA GLY A 80 1.94 1.07 -12.15
C GLY A 80 3.13 0.25 -11.65
N SER A 81 4.05 0.06 -12.56
CA SER A 81 5.22 -0.74 -12.32
C SER A 81 6.11 -0.44 -11.11
N ILE A 82 5.92 0.72 -10.46
CA ILE A 82 6.84 1.09 -9.35
C ILE A 82 6.54 0.37 -8.03
N ALA A 83 5.37 -0.26 -7.93
CA ALA A 83 5.00 -0.86 -6.65
C ALA A 83 6.00 -1.83 -6.01
N VAL A 84 6.56 -2.70 -6.82
CA VAL A 84 7.49 -3.72 -6.30
C VAL A 84 8.70 -3.10 -5.62
N ASP A 85 9.37 -2.17 -6.30
CA ASP A 85 10.54 -1.51 -5.71
C ASP A 85 10.18 -0.68 -4.47
N PHE A 86 9.05 -0.01 -4.54
CA PHE A 86 8.61 0.85 -3.44
C PHE A 86 8.34 -0.01 -2.21
N ASN A 87 7.56 -1.07 -2.41
CA ASN A 87 7.19 -1.95 -1.30
C ASN A 87 8.41 -2.57 -0.63
N ARG A 88 9.44 -2.88 -1.44
CA ARG A 88 10.65 -3.49 -0.92
C ARG A 88 11.38 -2.51 -0.04
N ALA A 89 11.49 -1.28 -0.55
CA ALA A 89 12.14 -0.21 0.19
C ALA A 89 11.43 0.02 1.54
N VAL A 90 10.10 -0.05 1.52
CA VAL A 90 9.31 0.13 2.77
C VAL A 90 9.53 -1.06 3.76
N ARG A 91 9.39 -2.29 3.24
CA ARG A 91 9.56 -3.51 4.01
C ARG A 91 10.95 -3.57 4.66
N GLU A 92 11.98 -3.27 3.88
CA GLU A 92 13.35 -3.32 4.38
C GLU A 92 13.86 -1.99 4.94
N PHE A 93 12.93 -1.10 5.34
CA PHE A 93 13.32 0.21 5.83
C PHE A 93 14.28 0.25 7.01
N LYS A 94 13.82 -0.27 8.15
CA LYS A 94 14.60 -0.27 9.38
C LYS A 94 15.97 -0.91 9.16
N GLU A 95 16.05 -1.84 8.23
CA GLU A 95 17.32 -2.49 7.93
C GLU A 95 18.40 -1.42 7.71
N ASN A 96 18.22 -0.55 6.73
CA ASN A 96 19.20 0.52 6.46
C ASN A 96 18.53 1.83 6.03
N PRO A 97 17.78 2.47 6.93
CA PRO A 97 17.06 3.73 6.68
C PRO A 97 17.87 4.97 6.28
N GLY A 98 18.97 4.76 5.56
CA GLY A 98 19.76 5.89 5.11
C GLY A 98 19.48 6.08 3.64
N GLN A 99 19.12 4.97 3.00
CA GLN A 99 18.83 4.99 1.57
C GLN A 99 17.34 4.80 1.24
N PHE A 100 16.46 5.51 1.94
CA PHE A 100 15.04 5.38 1.63
C PHE A 100 14.67 6.56 0.71
N HIS A 101 14.49 6.29 -0.56
CA HIS A 101 14.20 7.35 -1.51
C HIS A 101 12.77 7.39 -2.01
N TYR A 102 11.84 7.31 -1.07
CA TYR A 102 10.40 7.36 -1.34
C TYR A 102 9.78 8.13 -0.17
N LYS A 103 10.55 9.04 0.44
CA LYS A 103 10.10 9.81 1.60
C LYS A 103 8.78 10.52 1.26
N ALA A 104 8.79 11.28 0.15
CA ALA A 104 7.59 12.00 -0.27
C ALA A 104 6.56 11.07 -0.86
N PHE A 105 7.01 10.09 -1.65
CA PHE A 105 6.09 9.16 -2.27
C PHE A 105 5.28 8.38 -1.23
N HIS A 106 5.98 7.89 -0.21
CA HIS A 106 5.30 7.16 0.86
C HIS A 106 4.23 8.10 1.51
N TYR A 107 4.60 9.33 1.79
CA TYR A 107 3.61 10.26 2.38
C TYR A 107 2.38 10.46 1.49
N TYR A 108 2.61 10.82 0.23
CA TYR A 108 1.47 11.08 -0.64
C TYR A 108 0.59 9.91 -0.85
N LEU A 109 1.16 8.71 -1.00
CA LEU A 109 0.34 7.53 -1.18
C LEU A 109 -0.41 7.23 0.10
N THR A 110 0.27 7.35 1.25
CA THR A 110 -0.40 7.10 2.53
C THR A 110 -1.57 8.06 2.70
N ARG A 111 -1.31 9.34 2.44
CA ARG A 111 -2.35 10.33 2.58
C ARG A 111 -3.49 10.13 1.54
N ALA A 112 -3.18 9.69 0.33
CA ALA A 112 -4.25 9.45 -0.66
C ALA A 112 -5.24 8.43 -0.07
N LEU A 113 -4.73 7.32 0.44
CA LEU A 113 -5.61 6.30 1.01
C LEU A 113 -6.35 6.81 2.25
N GLN A 114 -5.69 7.61 3.08
CA GLN A 114 -6.37 8.13 4.24
C GLN A 114 -7.56 9.04 3.82
N LEU A 115 -7.34 9.86 2.80
CA LEU A 115 -8.38 10.74 2.31
C LEU A 115 -9.49 9.97 1.59
N LEU A 116 -9.15 8.89 0.92
CA LEU A 116 -10.16 8.14 0.20
C LEU A 116 -10.95 7.15 1.05
N SER A 117 -10.41 6.77 2.18
CA SER A 117 -11.07 5.78 3.03
C SER A 117 -12.18 6.38 3.88
N ASN A 118 -13.40 5.93 3.68
CA ASN A 118 -14.52 6.43 4.47
C ASN A 118 -14.72 5.59 5.72
N GLY A 119 -14.20 4.36 5.70
CA GLY A 119 -14.34 3.50 6.85
C GLY A 119 -15.01 2.19 6.51
N ASP A 120 -15.66 2.12 5.34
CA ASP A 120 -16.32 0.89 4.89
C ASP A 120 -15.32 -0.27 4.99
N CYS A 121 -15.82 -1.46 5.31
CA CYS A 121 -14.97 -2.61 5.39
C CYS A 121 -15.24 -3.44 4.17
N HIS A 122 -14.25 -4.23 3.78
CA HIS A 122 -14.37 -5.08 2.61
C HIS A 122 -13.85 -6.47 2.84
N SER A 123 -14.38 -7.42 2.08
CA SER A 123 -13.91 -8.80 2.11
C SER A 123 -13.04 -8.83 0.83
N VAL A 124 -11.73 -8.98 0.95
CA VAL A 124 -10.91 -9.02 -0.27
C VAL A 124 -10.06 -10.26 -0.31
N TYR A 125 -9.40 -10.48 -1.44
CA TYR A 125 -8.57 -11.66 -1.64
C TYR A 125 -7.30 -11.18 -2.28
N ARG A 126 -6.20 -11.78 -1.88
CA ARG A 126 -4.91 -11.41 -2.43
C ARG A 126 -4.19 -12.70 -2.78
N GLY A 127 -3.74 -12.81 -4.02
CA GLY A 127 -3.01 -13.99 -4.44
C GLY A 127 -1.53 -13.69 -4.52
N THR A 128 -0.67 -14.68 -4.25
CA THR A 128 0.78 -14.47 -4.34
C THR A 128 1.39 -15.72 -4.97
N LYS A 129 2.63 -15.60 -5.46
CA LYS A 129 3.27 -16.80 -6.02
C LYS A 129 4.36 -17.25 -5.06
N THR A 130 4.51 -16.53 -3.96
CA THR A 130 5.50 -16.89 -2.95
C THR A 130 4.72 -17.30 -1.69
N ARG A 131 5.09 -18.44 -1.13
CA ARG A 131 4.42 -18.95 0.07
C ARG A 131 4.71 -18.07 1.28
N PHE A 132 3.66 -17.76 2.05
CA PHE A 132 3.81 -16.97 3.25
C PHE A 132 3.62 -17.88 4.45
N HIS A 133 4.51 -17.76 5.44
CA HIS A 133 4.42 -18.57 6.68
C HIS A 133 4.14 -17.64 7.84
N TYR A 134 3.04 -17.88 8.53
CA TYR A 134 2.70 -17.08 9.70
C TYR A 134 3.61 -17.51 10.84
N THR A 135 4.40 -16.59 11.40
CA THR A 135 5.33 -16.98 12.45
C THR A 135 4.78 -16.86 13.89
N GLY A 136 3.46 -16.94 14.04
CA GLY A 136 2.80 -16.90 15.36
C GLY A 136 2.93 -15.70 16.28
N ALA A 137 3.13 -14.52 15.72
CA ALA A 137 3.31 -13.35 16.58
C ALA A 137 2.07 -12.98 17.40
N GLY A 138 0.90 -13.42 16.96
CA GLY A 138 -0.33 -13.08 17.69
C GLY A 138 -1.22 -12.20 16.80
N SER A 139 -0.60 -11.47 15.87
CA SER A 139 -1.37 -10.62 14.96
C SER A 139 -0.51 -10.44 13.71
N VAL A 140 -1.04 -9.76 12.70
CA VAL A 140 -0.31 -9.55 11.45
C VAL A 140 -0.54 -8.15 10.89
N ARG A 141 0.51 -7.59 10.27
CA ARG A 141 0.42 -6.31 9.54
C ARG A 141 1.21 -6.67 8.28
N PHE A 142 0.84 -6.12 7.14
CA PHE A 142 1.59 -6.39 5.92
C PHE A 142 2.88 -5.58 5.89
N GLY A 143 2.88 -4.44 6.58
CA GLY A 143 4.06 -3.57 6.60
C GLY A 143 4.02 -2.63 5.39
N GLN A 144 4.06 -3.24 4.22
CA GLN A 144 4.01 -2.53 2.96
C GLN A 144 2.57 -2.35 2.48
N PHE A 145 2.38 -1.42 1.55
CA PHE A 145 1.05 -1.23 0.98
C PHE A 145 0.77 -2.55 0.29
N THR A 146 -0.47 -3.01 0.43
CA THR A 146 -0.84 -4.32 -0.08
C THR A 146 -2.07 -4.35 -0.96
N SER A 147 -1.87 -4.80 -2.19
CA SER A 147 -2.92 -4.87 -3.16
C SER A 147 -3.73 -6.14 -2.96
N SER A 148 -5.02 -6.04 -3.21
CA SER A 148 -5.92 -7.17 -3.06
C SER A 148 -7.02 -6.92 -4.05
N SER A 149 -7.94 -7.88 -4.19
CA SER A 149 -9.07 -7.66 -5.05
C SER A 149 -10.41 -8.07 -4.41
N LEU A 150 -11.47 -7.36 -4.80
CA LEU A 150 -12.80 -7.70 -4.31
C LEU A 150 -13.17 -9.05 -4.90
N SER A 151 -12.53 -9.41 -6.01
CA SER A 151 -12.81 -10.69 -6.68
C SER A 151 -11.81 -11.83 -6.39
N LYS A 152 -12.31 -12.94 -5.88
CA LYS A 152 -11.45 -14.08 -5.59
C LYS A 152 -10.88 -14.63 -6.91
N LYS A 153 -11.66 -14.49 -7.98
CA LYS A 153 -11.29 -14.98 -9.30
C LYS A 153 -10.00 -14.29 -9.72
N VAL A 154 -10.00 -12.97 -9.62
CA VAL A 154 -8.84 -12.15 -9.94
C VAL A 154 -7.64 -12.56 -9.08
N ALA A 155 -7.83 -12.67 -7.75
CA ALA A 155 -6.75 -13.02 -6.84
C ALA A 155 -6.13 -14.40 -7.17
N GLN A 156 -6.95 -15.30 -7.70
CA GLN A 156 -6.47 -16.65 -8.02
C GLN A 156 -6.01 -16.81 -9.45
N SER A 157 -6.13 -15.74 -10.23
CA SER A 157 -5.73 -15.81 -11.61
C SER A 157 -4.20 -16.02 -11.71
N GLN A 158 -3.77 -16.64 -12.81
CA GLN A 158 -2.36 -16.94 -13.03
C GLN A 158 -1.53 -15.69 -13.04
N GLU A 159 -2.16 -14.55 -13.16
CA GLU A 159 -1.39 -13.30 -13.12
C GLU A 159 -0.78 -13.07 -11.70
N PHE A 160 -1.50 -13.48 -10.64
CA PHE A 160 -1.04 -13.23 -9.25
C PHE A 160 -0.76 -14.43 -8.38
N PHE A 161 -1.35 -15.56 -8.76
CA PHE A 161 -1.31 -16.74 -7.94
C PHE A 161 -0.81 -17.99 -8.60
N SER A 162 -0.26 -18.89 -7.79
CA SER A 162 0.19 -20.20 -8.26
C SER A 162 0.15 -21.08 -7.00
N ASP A 163 0.17 -22.40 -7.19
CA ASP A 163 0.10 -23.34 -6.08
C ASP A 163 1.25 -23.19 -5.09
N HIS A 164 2.36 -22.62 -5.55
CA HIS A 164 3.52 -22.39 -4.69
C HIS A 164 3.34 -21.14 -3.82
N GLY A 165 2.27 -20.39 -4.07
CA GLY A 165 2.10 -19.16 -3.33
C GLY A 165 1.01 -19.28 -2.28
N THR A 166 0.38 -18.16 -1.97
CA THR A 166 -0.63 -18.13 -0.92
C THR A 166 -1.84 -17.31 -1.35
N LEU A 167 -3.02 -17.68 -0.87
CA LEU A 167 -4.21 -16.87 -1.13
C LEU A 167 -4.58 -16.31 0.22
N PHE A 168 -4.60 -15.01 0.35
CA PHE A 168 -5.01 -14.40 1.60
C PHE A 168 -6.50 -14.08 1.46
N ILE A 169 -7.29 -14.38 2.50
CA ILE A 169 -8.71 -14.03 2.50
C ILE A 169 -8.76 -13.03 3.64
N ILE A 170 -8.99 -11.77 3.28
CA ILE A 170 -8.91 -10.65 4.17
C ILE A 170 -10.15 -9.79 4.41
N LYS A 171 -10.38 -9.41 5.66
CA LYS A 171 -11.45 -8.48 5.97
C LYS A 171 -10.65 -7.23 6.31
N THR A 172 -10.83 -6.18 5.51
CA THR A 172 -10.11 -4.94 5.74
C THR A 172 -11.09 -3.78 5.96
N CYS A 173 -10.71 -2.83 6.81
CA CYS A 173 -11.57 -1.71 7.04
C CYS A 173 -10.79 -0.43 6.71
N LEU A 174 -9.54 -0.57 6.30
CA LEU A 174 -8.78 0.63 5.91
C LEU A 174 -8.50 0.58 4.39
N GLY A 175 -8.76 -0.57 3.79
CA GLY A 175 -8.52 -0.71 2.37
C GLY A 175 -9.40 0.22 1.53
N VAL A 176 -8.86 0.68 0.42
CA VAL A 176 -9.58 1.59 -0.44
C VAL A 176 -9.76 1.00 -1.81
N TYR A 177 -10.98 1.08 -2.31
CA TYR A 177 -11.30 0.57 -3.65
C TYR A 177 -10.74 1.64 -4.58
N ILE A 178 -9.70 1.29 -5.34
CA ILE A 178 -9.01 2.26 -6.20
C ILE A 178 -9.13 1.98 -7.70
N LYS A 179 -10.19 1.28 -8.05
CA LYS A 179 -10.46 0.91 -9.42
C LYS A 179 -10.27 2.09 -10.35
N GLU A 180 -10.88 3.20 -9.97
CA GLU A 180 -10.84 4.43 -10.74
C GLU A 180 -9.45 4.90 -11.07
N PHE A 181 -8.48 4.58 -10.21
CA PHE A 181 -7.09 5.04 -10.38
C PHE A 181 -6.17 4.12 -11.13
N SER A 182 -6.49 2.84 -11.18
CA SER A 182 -5.62 1.88 -11.79
C SER A 182 -5.43 1.80 -13.30
N PHE A 183 -4.18 1.51 -13.70
CA PHE A 183 -3.86 1.35 -15.11
C PHE A 183 -4.68 0.17 -15.63
N ARG A 184 -5.38 -0.51 -14.72
CA ARG A 184 -6.23 -1.65 -15.08
C ARG A 184 -7.54 -1.25 -15.74
N PRO A 185 -8.65 -1.10 -14.97
CA PRO A 185 -8.95 -1.25 -13.54
C PRO A 185 -9.82 -2.47 -13.22
N ASP A 186 -9.95 -3.39 -14.17
CA ASP A 186 -10.77 -4.59 -13.97
C ASP A 186 -10.22 -5.51 -12.88
N GLN A 187 -9.09 -5.14 -12.29
CA GLN A 187 -8.52 -5.95 -11.22
C GLN A 187 -9.34 -5.72 -9.94
N GLU A 188 -10.35 -4.84 -9.99
CA GLU A 188 -11.20 -4.57 -8.83
C GLU A 188 -10.36 -4.41 -7.58
N GLU A 189 -9.25 -3.69 -7.72
CA GLU A 189 -8.32 -3.54 -6.62
C GLU A 189 -8.73 -2.73 -5.39
N VAL A 190 -8.38 -3.27 -4.22
CA VAL A 190 -8.56 -2.59 -2.95
C VAL A 190 -7.12 -2.53 -2.45
N LEU A 191 -6.62 -1.32 -2.24
CA LEU A 191 -5.25 -1.11 -1.77
C LEU A 191 -5.33 -0.94 -0.26
N ILE A 192 -4.59 -1.78 0.46
CA ILE A 192 -4.62 -1.79 1.94
C ILE A 192 -3.37 -1.16 2.55
N PRO A 193 -3.52 -0.23 3.51
CA PRO A 193 -2.29 0.34 4.08
C PRO A 193 -1.54 -0.75 4.89
N GLY A 194 -0.22 -0.64 4.96
CA GLY A 194 0.58 -1.63 5.66
C GLY A 194 0.52 -1.63 7.18
N TYR A 195 -0.13 -0.61 7.72
CA TYR A 195 -0.25 -0.47 9.14
C TYR A 195 -1.59 -0.98 9.69
N GLU A 196 -2.41 -1.58 8.83
CA GLU A 196 -3.66 -2.14 9.35
C GLU A 196 -3.22 -3.46 10.03
N VAL A 197 -3.78 -3.73 11.20
CA VAL A 197 -3.46 -4.92 11.98
C VAL A 197 -4.63 -5.90 11.96
N TYR A 198 -4.32 -7.18 11.71
CA TYR A 198 -5.34 -8.22 11.70
C TYR A 198 -5.15 -8.98 13.00
N GLN A 199 -6.11 -8.86 13.93
CA GLN A 199 -6.02 -9.51 15.26
C GLN A 199 -6.36 -11.01 15.24
N LYS A 200 -6.97 -11.45 14.16
CA LYS A 200 -7.32 -12.86 14.02
C LYS A 200 -6.59 -13.36 12.78
N VAL A 201 -5.74 -14.36 12.98
CA VAL A 201 -4.93 -14.95 11.92
C VAL A 201 -5.15 -16.46 11.90
N ARG A 202 -5.58 -16.99 10.75
CA ARG A 202 -5.79 -18.42 10.66
C ARG A 202 -5.30 -19.00 9.36
N THR A 203 -4.40 -19.96 9.47
CA THR A 203 -3.86 -20.63 8.31
C THR A 203 -4.71 -21.87 8.07
N GLN A 204 -5.03 -22.10 6.82
CA GLN A 204 -5.84 -23.25 6.45
C GLN A 204 -5.13 -23.93 5.29
N GLY A 205 -4.76 -25.18 5.48
CA GLY A 205 -4.06 -25.88 4.42
C GLY A 205 -2.71 -25.23 4.20
N TYR A 206 -2.04 -25.61 3.13
CA TYR A 206 -0.74 -25.06 2.84
C TYR A 206 -0.74 -23.68 2.22
N ASN A 207 -1.85 -23.27 1.63
CA ASN A 207 -1.74 -21.98 1.00
C ASN A 207 -2.88 -20.98 1.17
N GLU A 208 -3.65 -21.10 2.24
CA GLU A 208 -4.72 -20.14 2.48
C GLU A 208 -4.44 -19.56 3.84
N ILE A 209 -4.54 -18.23 3.94
CA ILE A 209 -4.33 -17.55 5.20
C ILE A 209 -5.53 -16.60 5.30
N PHE A 210 -6.26 -16.69 6.40
CA PHE A 210 -7.42 -15.86 6.68
C PHE A 210 -6.99 -14.80 7.67
N LEU A 211 -7.23 -13.53 7.33
CA LEU A 211 -6.84 -12.42 8.19
C LEU A 211 -8.13 -11.69 8.47
N ASP A 212 -8.48 -11.68 9.75
CA ASP A 212 -9.71 -11.07 10.23
C ASP A 212 -9.47 -10.14 11.41
N SER A 213 -10.57 -9.58 11.92
CA SER A 213 -10.52 -8.63 13.02
C SER A 213 -9.56 -7.48 12.79
N PRO A 214 -9.73 -6.73 11.66
CA PRO A 214 -8.80 -5.62 11.45
C PRO A 214 -9.00 -4.51 12.47
N LYS A 215 -7.92 -3.79 12.74
CA LYS A 215 -7.96 -2.69 13.68
C LYS A 215 -6.86 -1.74 13.30
N ARG A 216 -7.06 -0.45 13.55
CA ARG A 216 -5.99 0.47 13.24
C ARG A 216 -5.31 0.58 14.59
N LYS A 217 -3.98 0.53 14.60
CA LYS A 217 -3.20 0.65 15.81
C LYS A 217 -2.07 1.59 15.47
N LYS A 218 -1.42 2.16 16.49
CA LYS A 218 -0.32 3.08 16.24
C LYS A 218 0.81 2.33 15.50
N SER A 219 1.58 3.06 14.72
CA SER A 219 2.68 2.52 13.95
C SER A 219 3.95 2.73 14.76
N ASN A 220 5.02 2.04 14.37
CA ASN A 220 6.29 2.18 15.06
C ASN A 220 6.92 3.53 14.72
N TYR A 221 6.71 3.98 13.49
CA TYR A 221 7.22 5.29 13.06
C TYR A 221 6.07 6.30 12.98
N ASN A 222 6.35 7.57 13.25
CA ASN A 222 5.32 8.61 13.11
C ASN A 222 5.97 9.93 12.78
N CYS A 223 5.56 10.51 11.66
CA CYS A 223 6.08 11.78 11.22
C CYS A 223 7.59 11.81 11.18
N LEU A 224 8.20 10.69 10.78
CA LEU A 224 9.63 10.59 10.75
C LEU A 224 10.32 11.71 10.00
N TYR A 225 9.90 11.96 8.76
CA TYR A 225 10.55 13.01 7.98
C TYR A 225 9.88 14.40 8.05
N SER A 226 9.01 14.62 9.03
CA SER A 226 8.34 15.92 9.13
C SER A 226 9.19 17.02 9.75
PA TAD B . 4.46 -6.98 -3.96
O1A TAD B . 5.55 -5.91 -3.48
O2A TAD B . 3.84 -7.93 -3.02
O5B TAD B . 5.51 -7.94 -4.71
C5B TAD B . 5.61 -9.32 -4.33
C4B TAD B . 7.08 -9.77 -4.25
O4B TAD B . 7.90 -8.86 -3.51
C3B TAD B . 7.20 -11.11 -3.54
O3B TAD B . 7.06 -12.17 -4.49
C2B TAD B . 8.65 -11.03 -3.10
O2B TAD B . 9.50 -11.08 -4.24
C1B TAD B . 8.62 -9.61 -2.52
N9A TAD B . 7.87 -9.56 -1.25
C8A TAD B . 6.59 -9.19 -1.10
N7A TAD B . 6.26 -9.23 0.19
C5A TAD B . 7.34 -9.62 0.88
C6A TAD B . 7.56 -9.83 2.24
N6A TAD B . 6.58 -9.65 3.11
N1A TAD B . 8.81 -10.26 2.68
C2A TAD B . 9.85 -10.46 1.77
N3A TAD B . 9.62 -10.25 0.40
C4A TAD B . 8.36 -9.82 -0.04
C3 TAD B . 3.58 -6.40 -5.40
PN TAD B . 1.84 -6.76 -5.30
O1N TAD B . 1.62 -6.11 -3.85
O2N TAD B . 1.85 -8.22 -5.51
O5D TAD B . 1.29 -5.74 -6.41
C5D TAD B . 1.84 -5.68 -7.73
C4D TAD B . 0.76 -5.32 -8.75
O4D TAD B . -0.32 -6.25 -8.56
C3D TAD B . 0.18 -3.91 -8.57
O3D TAD B . 0.07 -3.26 -9.84
C2D TAD B . -1.20 -4.17 -7.99
O2D TAD B . -2.10 -3.17 -8.49
C1D TAD B . -1.56 -5.52 -8.60
C2N TAD B . -2.60 -6.34 -7.84
N3N TAD B . -2.37 -7.49 -7.19
C4N TAD B . -3.40 -8.19 -6.69
C5N TAD B . -4.60 -7.63 -6.88
S1N TAD B . -4.40 -6.06 -7.78
C6N TAD B . -3.22 -9.55 -6.01
O6N TAD B . -4.15 -10.34 -5.87
N6N TAD B . -1.98 -9.80 -5.62
#